data_4WTK
#
_entry.id   4WTK
#
_cell.length_a   140.230
_cell.length_b   140.230
_cell.length_c   92.540
_cell.angle_alpha   90.000
_cell.angle_beta   90.000
_cell.angle_gamma   120.000
#
_symmetry.space_group_name_H-M   'P 65'
#
loop_
_entity.id
_entity.type
_entity.pdbx_description
1 polymer 'RNA TEMPLATE AGCC'
2 polymer 'RNA PRIMER GG'
3 polymer 'RNA-directed RNA polymerase'
4 non-polymer 'MANGANESE (II) ION'
5 non-polymer 'CHLORIDE ION'
6 non-polymer "CYTIDINE-5'-DIPHOSPHATE"
7 non-polymer 1-(2-METHOXY-ETHOXY)-2-{2-[2-(2-METHOXY-ETHOXY]-ETHOXY}-ETHANE
8 non-polymer 2-[3-(2-HYDROXY-1,1-DIHYDROXYMETHYL-ETHYLAMINO)-PROPYLAMINO]-2-HYDROXYMETHYL-PROPANE-1,3-DIOL
9 non-polymer 1,2-ETHANEDIOL
10 water water
#
loop_
_entity_poly.entity_id
_entity_poly.type
_entity_poly.pdbx_seq_one_letter_code
_entity_poly.pdbx_strand_id
1 'polyribonucleotide' AGCC T
2 'polyribonucleotide' GG P
3 'polypeptide(L)'
;MSSMSYSWTGALITPCGPEEEKLPINPLSNSLLRYHNKVYCTTSKSASQRAKKVTFDRTQVLDAHYDSVLKDIKLAASKV
SARLLTLQQACQLTPPHSARSKYGFGAKEVRSLSGRAVNHIKSVWKDLLEDPQTPIPTTIMAKNEVFCVDPAKGGKKPAR
LIVYPDLGVRVCEKMALYDITQKLPQAVMGASYGFQYSPAQRVEYLLKAWAEKKDPMGFSYDTRHFDSTVTERDIRTEES
IYQACSLPEEARTAIHSLTERLYVGGPMFNSKGQTCGYRRCRASGVLTTSMGNTITCYVKALAACKAAGIVAPTMLVCGD
DLIVISESQGTEEDERNLRAFTEAMTRYSAPPGDPPRPEYDLELITSCSSNVSVALGPRGRRRYYLTRDPTTPLARAAWE
TVRHSPINSWLGNIIQYAPTIWVRMVLMTHFFSILMVQDTLDQNLNFEMYGSVYSVNPLDLPAIIERLHGLDAFSMHTYS
HHELTRVASALRKLGAPPLRVWKSRARAVRASLISRGGKAAVCGRYLFNWAVKTKLKLTPLPEARLLDLSSWFTVGAGGG
DIFHSVSRARPRLEHHHHHH
;
A
#
loop_
_chem_comp.id
_chem_comp.type
_chem_comp.name
_chem_comp.formula
A RNA linking ADENOSINE-5'-MONOPHOSPHATE 'C10 H14 N5 O7 P'
B3P non-polymer 2-[3-(2-HYDROXY-1,1-DIHYDROXYMETHYL-ETHYLAMINO)-PROPYLAMINO]-2-HYDROXYMETHYL-PROPANE-1,3-DIOL 'C11 H26 N2 O6'
C RNA linking CYTIDINE-5'-MONOPHOSPHATE 'C9 H14 N3 O8 P'
CDP non-polymer CYTIDINE-5'-DIPHOSPHATE 'C9 H15 N3 O11 P2'
CL non-polymer 'CHLORIDE ION' 'Cl -1'
EDO non-polymer 1,2-ETHANEDIOL 'C2 H6 O2'
G RNA linking GUANOSINE-5'-MONOPHOSPHATE 'C10 H14 N5 O8 P'
MN non-polymer 'MANGANESE (II) ION' 'Mn 2'
PG6 non-polymer 1-(2-METHOXY-ETHOXY)-2-{2-[2-(2-METHOXY-ETHOXY]-ETHOXY}-ETHANE 'C12 H26 O6'
#
# COMPACT_ATOMS: atom_id res chain seq x y z
N SER C 2 26.14 15.83 -6.12
CA SER C 2 26.78 15.12 -4.98
C SER C 2 26.81 13.58 -5.18
N SER C 3 25.73 12.90 -4.77
CA SER C 3 25.73 11.44 -4.56
C SER C 3 24.97 10.68 -5.62
N MET C 4 25.54 9.59 -6.10
CA MET C 4 24.75 8.61 -6.85
C MET C 4 23.84 7.85 -5.88
N SER C 5 22.68 7.44 -6.39
CA SER C 5 21.79 6.59 -5.63
C SER C 5 22.37 5.18 -5.54
N TYR C 6 22.97 4.71 -6.63
CA TYR C 6 23.60 3.40 -6.69
C TYR C 6 24.89 3.40 -7.53
N SER C 7 25.73 2.38 -7.33
CA SER C 7 26.75 1.93 -8.28
C SER C 7 26.68 0.42 -8.40
N TRP C 8 27.13 -0.15 -9.51
CA TRP C 8 26.96 -1.59 -9.81
C TRP C 8 28.22 -2.26 -10.29
N THR C 9 28.41 -3.50 -9.90
CA THR C 9 29.60 -4.23 -10.31
C THR C 9 29.45 -4.90 -11.68
N GLY C 10 28.21 -5.02 -12.14
CA GLY C 10 27.94 -5.74 -13.38
C GLY C 10 27.47 -7.14 -13.08
N ALA C 11 27.57 -7.56 -11.82
CA ALA C 11 26.93 -8.79 -11.35
C ALA C 11 25.41 -8.70 -11.54
N LEU C 12 24.79 -9.77 -12.03
CA LEU C 12 23.35 -9.79 -12.21
C LEU C 12 22.58 -9.79 -10.88
N ILE C 13 21.33 -9.36 -10.97
CA ILE C 13 20.35 -9.48 -9.90
C ILE C 13 19.60 -10.79 -10.12
N THR C 14 19.97 -11.82 -9.37
CA THR C 14 19.52 -13.19 -9.63
C THR C 14 18.25 -13.54 -8.87
N PRO C 15 17.47 -14.50 -9.38
CA PRO C 15 16.21 -14.93 -8.73
C PRO C 15 16.34 -15.65 -7.37
N CYS C 16 15.26 -15.69 -6.60
CA CYS C 16 15.20 -16.41 -5.31
C CYS C 16 15.20 -17.92 -5.58
N GLY C 17 14.46 -18.35 -6.59
CA GLY C 17 14.41 -19.74 -7.00
C GLY C 17 13.77 -19.86 -8.38
N PRO C 18 12.58 -20.48 -8.46
CA PRO C 18 11.88 -20.52 -9.74
C PRO C 18 10.93 -19.35 -9.86
N GLU C 19 10.81 -18.77 -11.04
CA GLU C 19 9.82 -17.73 -11.29
C GLU C 19 8.62 -18.36 -12.02
N GLU C 20 7.51 -18.48 -11.29
CA GLU C 20 6.34 -19.27 -11.71
C GLU C 20 5.84 -18.96 -13.10
N GLU C 21 5.55 -20.00 -13.87
CA GLU C 21 4.92 -19.83 -15.16
C GLU C 21 3.40 -19.92 -15.04
N LYS C 22 2.70 -19.19 -15.89
CA LYS C 22 1.27 -19.37 -16.00
C LYS C 22 1.08 -20.71 -16.73
N LEU C 23 -0.14 -21.25 -16.73
CA LEU C 23 -0.38 -22.55 -17.34
C LEU C 23 -1.29 -22.42 -18.56
N PRO C 24 -1.43 -23.49 -19.35
CA PRO C 24 -2.29 -23.42 -20.55
C PRO C 24 -3.77 -23.34 -20.23
N ILE C 25 -4.14 -23.71 -19.00
CA ILE C 25 -5.52 -23.57 -18.54
C ILE C 25 -5.51 -22.97 -17.16
N ASN C 26 -6.35 -21.95 -16.99
CA ASN C 26 -6.56 -21.25 -15.71
C ASN C 26 -8.00 -21.52 -15.27
N PRO C 27 -8.21 -22.66 -14.60
CA PRO C 27 -9.58 -23.13 -14.35
C PRO C 27 -10.41 -22.25 -13.40
N LEU C 28 -9.76 -21.54 -12.47
CA LEU C 28 -10.47 -20.66 -11.57
C LEU C 28 -10.85 -19.31 -12.17
N SER C 29 -10.11 -18.88 -13.18
CA SER C 29 -10.35 -17.53 -13.73
C SER C 29 -10.66 -17.45 -15.24
N ASN C 30 -10.69 -18.57 -15.94
CA ASN C 30 -11.05 -18.49 -17.36
C ASN C 30 -12.55 -18.26 -17.62
N SER C 31 -13.39 -18.21 -16.59
CA SER C 31 -14.75 -17.75 -16.79
C SER C 31 -14.90 -16.29 -16.34
N LEU C 32 -13.83 -15.68 -15.84
CA LEU C 32 -13.86 -14.27 -15.43
C LEU C 32 -13.39 -13.36 -16.55
N LEU C 33 -12.26 -13.73 -17.15
CA LEU C 33 -11.80 -13.02 -18.31
C LEU C 33 -11.09 -13.96 -19.26
N ARG C 34 -10.90 -13.47 -20.48
CA ARG C 34 -10.38 -14.29 -21.57
C ARG C 34 -8.94 -13.90 -22.00
N TYR C 35 -8.53 -12.65 -21.78
CA TYR C 35 -7.20 -12.24 -22.24
C TYR C 35 -6.09 -12.53 -21.26
N HIS C 36 -5.79 -13.80 -21.07
CA HIS C 36 -4.77 -14.22 -20.14
C HIS C 36 -3.35 -13.86 -20.60
N ASN C 37 -3.17 -13.65 -21.89
CA ASN C 37 -1.89 -13.20 -22.46
C ASN C 37 -1.47 -11.83 -21.91
N LYS C 38 -2.44 -11.02 -21.49
CA LYS C 38 -2.18 -9.68 -21.06
C LYS C 38 -1.73 -9.64 -19.62
N VAL C 39 -1.81 -10.76 -18.92
CA VAL C 39 -1.58 -10.78 -17.50
C VAL C 39 -0.22 -11.37 -17.25
N TYR C 40 0.64 -10.64 -16.58
CA TYR C 40 2.05 -11.06 -16.44
C TYR C 40 2.62 -10.69 -15.05
N CYS C 41 3.67 -11.41 -14.66
CA CYS C 41 4.39 -11.19 -13.43
C CYS C 41 5.79 -10.57 -13.72
N THR C 42 6.16 -9.53 -13.00
CA THR C 42 7.50 -8.93 -13.12
C THR C 42 8.53 -9.91 -12.60
N THR C 43 9.64 -10.10 -13.34
CA THR C 43 10.70 -11.01 -12.90
C THR C 43 12.08 -10.38 -12.88
N SER C 44 13.01 -11.14 -12.30
CA SER C 44 14.40 -10.75 -12.16
C SER C 44 15.07 -10.48 -13.50
N LYS C 45 14.61 -11.09 -14.59
CA LYS C 45 15.14 -10.77 -15.91
C LYS C 45 15.10 -9.26 -16.16
N SER C 46 14.05 -8.58 -15.69
CA SER C 46 13.93 -7.12 -15.90
C SER C 46 14.58 -6.23 -14.82
N ALA C 47 15.32 -6.83 -13.90
CA ALA C 47 15.88 -6.06 -12.77
C ALA C 47 16.96 -5.08 -13.25
N SER C 48 17.64 -5.46 -14.33
CA SER C 48 18.62 -4.57 -14.96
C SER C 48 17.98 -3.30 -15.50
N GLN C 49 16.86 -3.43 -16.21
CA GLN C 49 16.15 -2.26 -16.75
C GLN C 49 15.75 -1.32 -15.60
N ARG C 50 15.30 -1.88 -14.48
CA ARG C 50 14.93 -1.07 -13.30
C ARG C 50 16.11 -0.34 -12.71
N ALA C 51 17.19 -1.09 -12.49
CA ALA C 51 18.48 -0.52 -12.03
C ALA C 51 18.91 0.74 -12.79
N LYS C 52 18.91 0.65 -14.13
CA LYS C 52 19.25 1.80 -15.01
C LYS C 52 18.32 2.96 -14.68
N LYS C 53 17.03 2.72 -14.65
CA LYS C 53 16.07 3.81 -14.44
C LYS C 53 16.16 4.44 -13.03
N VAL C 54 16.77 3.78 -12.05
CA VAL C 54 16.83 4.38 -10.70
C VAL C 54 18.22 4.85 -10.22
N THR C 55 19.26 4.47 -10.95
CA THR C 55 20.62 4.98 -10.77
C THR C 55 20.78 6.37 -11.35
N PHE C 56 20.92 7.38 -10.50
CA PHE C 56 21.15 8.74 -10.97
C PHE C 56 21.74 9.58 -9.84
N ASP C 57 22.16 10.79 -10.19
CA ASP C 57 22.88 11.64 -9.25
C ASP C 57 21.94 12.63 -8.58
N ARG C 58 21.95 12.65 -7.27
CA ARG C 58 21.09 13.54 -6.52
C ARG C 58 21.86 14.76 -6.10
N THR C 59 21.20 15.90 -6.16
CA THR C 59 21.75 17.13 -5.65
C THR C 59 20.55 17.77 -5.04
N GLN C 60 20.67 18.15 -3.80
CA GLN C 60 19.55 18.51 -3.00
C GLN C 60 19.88 19.88 -2.46
N VAL C 61 18.90 20.76 -2.39
CA VAL C 61 19.11 22.10 -1.94
C VAL C 61 17.94 22.44 -1.06
N LEU C 62 18.20 22.62 0.22
CA LEU C 62 17.15 22.88 1.18
C LEU C 62 17.01 24.36 1.34
N ASP C 63 16.13 24.81 2.24
CA ASP C 63 15.92 26.22 2.43
C ASP C 63 15.17 26.51 3.71
N ALA C 64 14.82 27.76 3.92
CA ALA C 64 14.24 28.16 5.17
C ALA C 64 12.86 27.55 5.42
N HIS C 65 12.10 27.25 4.35
CA HIS C 65 10.76 26.66 4.55
C HIS C 65 10.91 25.23 5.09
N TYR C 66 11.76 24.47 4.42
CA TYR C 66 12.14 23.19 4.92
C TYR C 66 12.56 23.27 6.38
N ASP C 67 13.55 24.13 6.67
CA ASP C 67 14.13 24.22 8.02
C ASP C 67 13.06 24.49 9.03
N SER C 68 12.23 25.45 8.73
CA SER C 68 11.09 25.75 9.58
C SER C 68 10.21 24.51 9.84
N VAL C 69 9.99 23.70 8.81
CA VAL C 69 9.06 22.54 8.91
C VAL C 69 9.71 21.46 9.77
N LEU C 70 10.95 21.15 9.47
CA LEU C 70 11.72 20.19 10.25
C LEU C 70 11.74 20.57 11.73
N LYS C 71 11.90 21.87 12.03
CA LYS C 71 11.91 22.33 13.41
C LYS C 71 10.62 21.89 14.04
N ASP C 72 9.50 22.19 13.42
CA ASP C 72 8.20 21.91 14.05
C ASP C 72 7.93 20.43 14.21
N ILE C 73 8.46 19.62 13.31
CA ILE C 73 8.25 18.20 13.38
C ILE C 73 9.03 17.60 14.55
N LYS C 74 10.28 18.03 14.71
CA LYS C 74 11.08 17.62 15.87
C LYS C 74 10.42 17.96 17.21
N LEU C 75 9.82 19.14 17.29
CA LEU C 75 9.11 19.53 18.51
C LEU C 75 7.98 18.55 18.77
N ALA C 76 7.20 18.25 17.72
CA ALA C 76 6.06 17.32 17.82
C ALA C 76 6.51 15.92 18.21
N ALA C 77 7.62 15.48 17.61
CA ALA C 77 8.25 14.20 17.96
C ALA C 77 8.50 14.13 19.45
N SER C 78 9.05 15.22 20.00
CA SER C 78 9.50 15.23 21.40
C SER C 78 8.41 14.96 22.43
N LYS C 79 7.14 14.97 22.04
CA LYS C 79 6.06 14.58 22.93
C LYS C 79 5.84 13.06 22.95
N VAL C 80 6.68 12.30 22.25
CA VAL C 80 6.54 10.86 22.19
C VAL C 80 7.57 10.26 23.10
N SER C 81 7.14 9.30 23.92
CA SER C 81 8.10 8.41 24.57
C SER C 81 7.89 7.00 24.04
N ALA C 82 8.99 6.29 23.85
CA ALA C 82 8.96 5.03 23.19
C ALA C 82 9.94 4.08 23.83
N ARG C 83 9.58 2.82 23.90
CA ARG C 83 10.40 1.84 24.62
C ARG C 83 11.11 0.93 23.66
N LEU C 84 12.14 0.26 24.15
CA LEU C 84 12.68 -0.90 23.49
C LEU C 84 11.67 -2.04 23.57
N LEU C 85 11.71 -2.92 22.58
CA LEU C 85 10.98 -4.14 22.66
C LEU C 85 11.99 -5.17 23.16
N THR C 86 11.54 -6.13 23.95
CA THR C 86 12.41 -7.22 24.35
C THR C 86 12.77 -7.97 23.11
N LEU C 87 13.90 -8.63 23.16
CA LEU C 87 14.33 -9.44 22.05
C LEU C 87 13.24 -10.45 21.69
N GLN C 88 12.48 -10.87 22.70
CA GLN C 88 11.48 -11.91 22.54
C GLN C 88 10.24 -11.35 21.87
N GLN C 89 9.78 -10.16 22.29
CA GLN C 89 8.64 -9.52 21.63
C GLN C 89 8.91 -9.32 20.14
N ALA C 90 10.10 -8.82 19.84
CA ALA C 90 10.50 -8.59 18.47
C ALA C 90 10.51 -9.87 17.65
N CYS C 91 11.03 -10.96 18.22
CA CYS C 91 11.09 -12.24 17.49
C CYS C 91 9.69 -12.65 17.07
N GLN C 92 8.74 -12.39 17.95
CA GLN C 92 7.38 -12.81 17.78
C GLN C 92 6.54 -11.91 16.90
N LEU C 93 7.09 -10.76 16.46
CA LEU C 93 6.46 -9.94 15.42
C LEU C 93 7.05 -10.29 14.05
N THR C 94 7.99 -11.21 13.98
CA THR C 94 8.44 -11.69 12.68
C THR C 94 7.35 -12.53 12.00
N PRO C 95 6.91 -12.13 10.78
CA PRO C 95 5.88 -12.89 10.06
C PRO C 95 6.27 -14.31 9.76
N PRO C 96 5.27 -15.21 9.68
CA PRO C 96 5.51 -16.66 9.67
C PRO C 96 6.39 -17.17 8.53
N HIS C 97 6.40 -16.51 7.38
CA HIS C 97 7.19 -17.04 6.27
C HIS C 97 8.40 -16.17 5.87
N SER C 98 8.76 -15.23 6.75
CA SER C 98 9.91 -14.31 6.56
C SER C 98 11.16 -15.02 6.03
N ALA C 99 11.88 -14.42 5.10
CA ALA C 99 13.07 -15.08 4.55
C ALA C 99 14.07 -15.49 5.64
N ARG C 100 14.45 -16.76 5.62
CA ARG C 100 15.38 -17.33 6.58
C ARG C 100 16.74 -16.65 6.60
N SER C 101 17.44 -16.84 7.72
CA SER C 101 18.78 -16.34 7.90
C SER C 101 19.83 -17.16 7.17
N LYS C 102 20.95 -16.51 6.84
CA LYS C 102 22.13 -17.22 6.34
C LYS C 102 22.77 -18.13 7.41
N TYR C 103 22.52 -17.83 8.68
CA TYR C 103 23.08 -18.61 9.76
C TYR C 103 22.18 -19.79 10.19
N GLY C 104 21.78 -20.61 9.23
CA GLY C 104 21.05 -21.86 9.48
C GLY C 104 19.83 -21.86 10.39
N PHE C 105 18.95 -20.88 10.26
CA PHE C 105 17.63 -20.93 10.93
C PHE C 105 16.67 -19.98 10.25
N GLY C 106 15.37 -20.19 10.45
CA GLY C 106 14.35 -19.39 9.82
C GLY C 106 13.33 -18.87 10.81
N ALA C 107 12.21 -18.42 10.26
CA ALA C 107 11.19 -17.72 11.02
C ALA C 107 10.44 -18.61 12.00
N LYS C 108 10.36 -19.91 11.71
CA LYS C 108 9.73 -20.86 12.65
C LYS C 108 10.50 -20.82 13.98
N GLU C 109 11.82 -21.01 13.86
CA GLU C 109 12.73 -20.96 15.00
C GLU C 109 12.64 -19.60 15.73
N VAL C 110 12.65 -18.51 14.98
CA VAL C 110 12.57 -17.18 15.59
C VAL C 110 11.28 -17.01 16.35
N ARG C 111 10.15 -17.41 15.78
CA ARG C 111 8.88 -17.15 16.43
C ARG C 111 8.65 -18.03 17.66
N SER C 112 9.27 -19.20 17.68
CA SER C 112 9.13 -20.13 18.79
C SER C 112 10.27 -19.93 19.82
N LEU C 113 11.09 -18.92 19.63
CA LEU C 113 12.21 -18.63 20.51
C LEU C 113 13.16 -19.81 20.70
N SER C 114 13.56 -20.44 19.60
CA SER C 114 14.58 -21.48 19.69
C SER C 114 15.86 -20.84 20.22
N GLY C 115 16.69 -21.65 20.87
CA GLY C 115 17.86 -21.13 21.56
C GLY C 115 18.94 -20.63 20.63
N ARG C 116 19.23 -21.43 19.62
CA ARG C 116 20.16 -21.07 18.57
C ARG C 116 19.85 -19.67 18.02
N ALA C 117 18.57 -19.42 17.74
CA ALA C 117 18.12 -18.20 17.08
C ALA C 117 18.30 -17.03 18.03
N VAL C 118 17.64 -17.13 19.19
CA VAL C 118 17.76 -16.13 20.27
C VAL C 118 19.23 -15.81 20.57
N ASN C 119 20.06 -16.83 20.52
CA ASN C 119 21.46 -16.65 20.77
C ASN C 119 22.05 -15.75 19.73
N HIS C 120 21.94 -16.14 18.47
CA HIS C 120 22.51 -15.37 17.37
C HIS C 120 22.06 -13.91 17.40
N ILE C 121 20.79 -13.71 17.70
CA ILE C 121 20.22 -12.38 17.67
C ILE C 121 20.83 -11.51 18.79
N LYS C 122 21.15 -12.13 19.93
CA LYS C 122 21.85 -11.40 21.02
C LYS C 122 23.21 -10.91 20.58
N SER C 123 23.94 -11.77 19.89
CA SER C 123 25.26 -11.37 19.42
C SER C 123 25.14 -10.21 18.41
N VAL C 124 24.21 -10.34 17.47
CA VAL C 124 23.93 -9.28 16.50
C VAL C 124 23.65 -7.94 17.18
N TRP C 125 22.74 -7.96 18.14
CA TRP C 125 22.47 -6.78 18.98
C TRP C 125 23.71 -6.22 19.71
N LYS C 126 24.54 -7.10 20.29
CA LYS C 126 25.78 -6.64 20.96
C LYS C 126 26.66 -5.92 19.94
N ASP C 127 26.83 -6.51 18.76
CA ASP C 127 27.66 -5.92 17.72
C ASP C 127 27.12 -4.58 17.22
N LEU C 128 25.79 -4.42 17.25
CA LEU C 128 25.17 -3.13 16.95
C LEU C 128 25.50 -2.08 17.98
N LEU C 129 25.46 -2.48 19.23
CA LEU C 129 25.78 -1.59 20.33
C LEU C 129 27.27 -1.25 20.40
N GLU C 130 28.12 -2.11 19.86
CA GLU C 130 29.55 -1.89 19.98
C GLU C 130 30.18 -1.25 18.76
N ASP C 131 29.69 -1.60 17.58
CA ASP C 131 30.27 -1.11 16.34
C ASP C 131 29.24 -0.19 15.72
N PRO C 132 29.56 1.11 15.62
CA PRO C 132 28.59 2.02 15.03
C PRO C 132 28.94 2.36 13.57
N GLN C 133 29.74 1.53 12.91
CA GLN C 133 30.40 1.94 11.68
C GLN C 133 30.38 0.92 10.53
N THR C 134 30.77 -0.33 10.76
CA THR C 134 30.94 -1.25 9.63
C THR C 134 29.61 -1.37 8.87
N PRO C 135 29.63 -1.05 7.57
CA PRO C 135 28.45 -1.29 6.77
C PRO C 135 27.96 -2.72 6.91
N ILE C 136 26.63 -2.88 6.98
CA ILE C 136 25.99 -4.18 7.13
C ILE C 136 25.51 -4.65 5.77
N PRO C 137 25.90 -5.86 5.36
CA PRO C 137 25.59 -6.34 4.02
C PRO C 137 24.10 -6.66 3.82
N THR C 138 23.60 -6.41 2.60
CA THR C 138 22.20 -6.59 2.27
C THR C 138 22.07 -7.42 1.03
N THR C 139 20.91 -8.08 0.89
CA THR C 139 20.57 -8.84 -0.30
C THR C 139 19.66 -7.96 -1.17
N ILE C 140 19.83 -8.05 -2.48
CA ILE C 140 19.00 -7.31 -3.44
C ILE C 140 18.25 -8.31 -4.29
N MET C 141 16.93 -8.14 -4.37
CA MET C 141 16.05 -9.01 -5.14
CA MET C 141 16.05 -9.01 -5.14
C MET C 141 15.04 -8.19 -5.94
N ALA C 142 14.61 -8.75 -7.06
CA ALA C 142 13.55 -8.17 -7.86
C ALA C 142 12.25 -8.59 -7.23
N LYS C 143 11.30 -7.69 -7.06
CA LYS C 143 9.98 -8.11 -6.55
C LYS C 143 9.11 -8.69 -7.67
N ASN C 144 8.35 -9.73 -7.35
CA ASN C 144 7.41 -10.34 -8.32
C ASN C 144 5.99 -9.82 -8.15
N GLU C 145 5.54 -8.94 -9.04
CA GLU C 145 4.17 -8.47 -9.01
C GLU C 145 3.48 -8.65 -10.34
N VAL C 146 2.15 -8.66 -10.28
CA VAL C 146 1.31 -8.98 -11.42
C VAL C 146 0.57 -7.74 -11.91
N PHE C 147 0.61 -7.55 -13.23
CA PHE C 147 0.01 -6.40 -13.88
C PHE C 147 -0.64 -6.81 -15.19
N CYS C 148 -1.36 -5.87 -15.79
CA CYS C 148 -1.93 -6.07 -17.13
C CYS C 148 -1.11 -5.30 -18.11
N VAL C 149 -0.67 -5.93 -19.19
CA VAL C 149 0.20 -5.22 -20.15
C VAL C 149 -0.48 -3.93 -20.58
N ASP C 150 0.26 -2.83 -20.62
CA ASP C 150 -0.25 -1.53 -21.10
C ASP C 150 0.63 -1.02 -22.26
N PRO C 151 0.09 -1.01 -23.50
CA PRO C 151 0.92 -0.54 -24.62
C PRO C 151 1.13 0.98 -24.63
N ALA C 152 0.12 1.71 -24.14
CA ALA C 152 0.26 3.16 -23.90
C ALA C 152 1.45 3.54 -22.99
N LYS C 153 1.86 2.63 -22.09
CA LYS C 153 3.03 2.85 -21.22
C LYS C 153 4.17 1.83 -21.48
N GLY C 154 4.30 1.38 -22.74
CA GLY C 154 5.46 0.61 -23.20
C GLY C 154 5.53 -0.88 -22.90
N GLY C 155 4.39 -1.57 -22.86
CA GLY C 155 4.40 -3.03 -22.70
C GLY C 155 4.39 -3.55 -21.26
N LYS C 156 5.57 -3.94 -20.76
CA LYS C 156 5.72 -4.59 -19.43
C LYS C 156 6.65 -3.84 -18.47
N LYS C 157 6.15 -3.46 -17.27
CA LYS C 157 6.96 -2.79 -16.24
C LYS C 157 8.12 -3.68 -15.78
N PRO C 158 9.29 -3.07 -15.53
CA PRO C 158 10.38 -3.83 -14.90
C PRO C 158 10.14 -3.95 -13.41
N ALA C 159 10.56 -5.06 -12.81
CA ALA C 159 10.40 -5.32 -11.37
C ALA C 159 11.04 -4.26 -10.51
N ARG C 160 10.43 -3.93 -9.38
CA ARG C 160 11.10 -3.04 -8.47
C ARG C 160 12.15 -3.79 -7.63
N LEU C 161 13.04 -3.04 -7.02
CA LEU C 161 14.17 -3.63 -6.32
C LEU C 161 13.89 -3.63 -4.84
N ILE C 162 14.17 -4.74 -4.18
CA ILE C 162 14.00 -4.87 -2.75
C ILE C 162 15.34 -5.17 -2.10
N VAL C 163 15.71 -4.36 -1.11
CA VAL C 163 17.00 -4.48 -0.45
C VAL C 163 16.78 -4.67 1.05
N TYR C 164 17.27 -5.80 1.57
CA TYR C 164 17.06 -6.11 2.99
C TYR C 164 18.24 -6.83 3.63
N PRO C 165 18.45 -6.61 4.94
CA PRO C 165 19.49 -7.29 5.69
C PRO C 165 19.04 -8.66 6.16
N ASP C 166 19.95 -9.43 6.76
CA ASP C 166 19.65 -10.77 7.28
C ASP C 166 18.53 -10.74 8.31
N LEU C 167 17.83 -11.85 8.41
CA LEU C 167 16.77 -12.01 9.41
C LEU C 167 17.15 -11.58 10.85
N GLY C 168 18.35 -11.96 11.31
CA GLY C 168 18.87 -11.50 12.60
C GLY C 168 18.85 -10.00 12.83
N VAL C 169 19.33 -9.24 11.85
CA VAL C 169 19.25 -7.77 11.90
C VAL C 169 17.79 -7.25 11.86
N ARG C 170 16.93 -7.91 11.07
CA ARG C 170 15.53 -7.47 10.98
C ARG C 170 14.90 -7.51 12.35
N VAL C 171 15.25 -8.52 13.16
CA VAL C 171 14.65 -8.59 14.49
C VAL C 171 15.20 -7.48 15.37
N CYS C 172 16.49 -7.21 15.23
CA CYS C 172 17.09 -6.12 16.00
C CYS C 172 16.46 -4.79 15.65
N GLU C 173 16.13 -4.60 14.38
CA GLU C 173 15.49 -3.33 13.95
C GLU C 173 14.23 -3.08 14.74
N LYS C 174 13.43 -4.12 14.88
CA LYS C 174 12.17 -4.03 15.65
C LYS C 174 12.43 -3.72 17.11
N MET C 175 13.48 -4.31 17.68
CA MET C 175 13.75 -4.04 19.10
C MET C 175 13.93 -2.54 19.25
N ALA C 176 14.80 -2.00 18.39
CA ALA C 176 15.18 -0.60 18.45
C ALA C 176 14.03 0.34 18.10
N LEU C 177 13.24 -0.01 17.08
CA LEU C 177 12.38 0.96 16.37
C LEU C 177 10.91 0.65 16.22
N TYR C 178 10.49 -0.58 16.52
CA TYR C 178 9.07 -0.94 16.37
C TYR C 178 8.14 -0.02 17.13
N ASP C 179 8.43 0.26 18.39
CA ASP C 179 7.46 1.04 19.19
C ASP C 179 7.30 2.42 18.59
N ILE C 180 8.40 2.97 18.08
CA ILE C 180 8.40 4.27 17.43
C ILE C 180 7.54 4.24 16.16
N THR C 181 7.71 3.20 15.34
CA THR C 181 6.84 3.08 14.15
C THR C 181 5.36 3.14 14.51
N GLN C 182 4.97 2.76 15.73
CA GLN C 182 3.55 2.77 16.11
C GLN C 182 3.06 4.11 16.63
N LYS C 183 3.97 5.03 16.87
CA LYS C 183 3.62 6.23 17.56
C LYS C 183 4.06 7.53 16.88
N LEU C 184 5.26 7.51 16.29
CA LEU C 184 5.86 8.73 15.76
C LEU C 184 5.04 9.37 14.64
N PRO C 185 4.66 8.57 13.60
CA PRO C 185 3.83 9.09 12.50
C PRO C 185 2.63 9.84 12.96
N GLN C 186 1.84 9.22 13.83
CA GLN C 186 0.61 9.83 14.31
C GLN C 186 0.92 11.09 15.10
N ALA C 187 2.04 11.10 15.82
CA ALA C 187 2.35 12.22 16.71
C ALA C 187 2.78 13.44 15.93
N VAL C 188 3.47 13.20 14.82
CA VAL C 188 4.04 14.25 13.98
C VAL C 188 3.05 14.82 12.95
N MET C 189 2.13 13.98 12.46
CA MET C 189 1.22 14.33 11.35
C MET C 189 -0.25 14.41 11.73
N GLY C 190 -0.65 13.77 12.82
CA GLY C 190 -2.03 13.83 13.24
C GLY C 190 -2.96 13.28 12.19
N ALA C 191 -4.00 14.05 11.90
CA ALA C 191 -5.00 13.64 10.94
C ALA C 191 -4.47 13.44 9.51
N SER C 192 -3.32 14.04 9.19
CA SER C 192 -2.69 13.89 7.88
C SER C 192 -2.13 12.49 7.63
N TYR C 193 -1.99 11.70 8.68
CA TYR C 193 -1.33 10.40 8.57
C TYR C 193 -2.34 9.48 7.94
N GLY C 194 -2.00 8.99 6.77
CA GLY C 194 -2.97 8.29 5.93
C GLY C 194 -3.33 6.89 6.38
N PHE C 195 -2.35 6.12 6.85
CA PHE C 195 -2.58 4.71 7.12
C PHE C 195 -3.44 4.45 8.35
N GLN C 196 -4.13 5.47 8.88
CA GLN C 196 -4.99 5.30 10.05
C GLN C 196 -6.47 5.14 9.65
N TYR C 197 -6.79 5.25 8.37
CA TYR C 197 -8.17 5.36 7.95
C TYR C 197 -8.61 4.18 7.07
N SER C 198 -9.87 3.79 7.23
CA SER C 198 -10.49 2.84 6.32
C SER C 198 -10.95 3.63 5.09
N PRO C 199 -11.46 2.93 4.07
CA PRO C 199 -11.93 3.63 2.88
C PRO C 199 -12.98 4.69 3.17
N ALA C 200 -13.96 4.33 3.97
CA ALA C 200 -15.05 5.25 4.29
C ALA C 200 -14.54 6.44 5.09
N GLN C 201 -13.56 6.21 5.96
CA GLN C 201 -13.00 7.32 6.72
C GLN C 201 -12.14 8.23 5.87
N ARG C 202 -11.33 7.65 4.97
CA ARG C 202 -10.55 8.38 3.98
C ARG C 202 -11.50 9.31 3.25
N VAL C 203 -12.63 8.76 2.84
CA VAL C 203 -13.63 9.51 2.11
C VAL C 203 -14.20 10.64 2.95
N GLU C 204 -14.66 10.31 4.13
CA GLU C 204 -15.20 11.30 5.05
C GLU C 204 -14.19 12.45 5.35
N TYR C 205 -12.93 12.10 5.54
CA TYR C 205 -11.90 13.10 5.78
C TYR C 205 -11.73 14.04 4.57
N LEU C 206 -11.53 13.48 3.39
CA LEU C 206 -11.42 14.28 2.16
C LEU C 206 -12.66 15.14 1.93
N LEU C 207 -13.86 14.63 2.19
CA LEU C 207 -15.07 15.48 2.08
C LEU C 207 -15.12 16.64 3.06
N LYS C 208 -14.79 16.41 4.32
CA LYS C 208 -14.79 17.44 5.35
C LYS C 208 -13.80 18.51 4.91
N ALA C 209 -12.61 18.04 4.53
CA ALA C 209 -11.55 18.92 4.09
C ALA C 209 -12.02 19.77 2.92
N TRP C 210 -12.70 19.14 1.97
CA TRP C 210 -13.22 19.84 0.79
C TRP C 210 -14.29 20.87 1.15
N ALA C 211 -15.20 20.50 2.04
CA ALA C 211 -16.30 21.38 2.37
C ALA C 211 -15.89 22.59 3.21
N GLU C 212 -14.77 22.50 3.91
CA GLU C 212 -14.35 23.58 4.80
C GLU C 212 -13.81 24.79 4.07
N LYS C 213 -13.37 24.62 2.82
CA LYS C 213 -12.81 25.70 2.08
C LYS C 213 -13.91 26.55 1.50
N LYS C 214 -13.68 27.87 1.42
CA LYS C 214 -14.64 28.77 0.79
C LYS C 214 -14.73 28.39 -0.69
N ASP C 215 -13.58 28.15 -1.29
CA ASP C 215 -13.47 27.87 -2.71
C ASP C 215 -12.31 26.90 -2.98
N PRO C 216 -12.57 25.58 -2.90
CA PRO C 216 -11.47 24.61 -2.79
C PRO C 216 -10.76 24.30 -4.05
N MET C 217 -9.50 23.92 -3.92
CA MET C 217 -8.72 23.31 -4.99
C MET C 217 -7.97 22.12 -4.43
N GLY C 218 -7.74 21.10 -5.25
CA GLY C 218 -7.10 19.87 -4.81
C GLY C 218 -6.08 19.40 -5.81
N PHE C 219 -5.01 18.77 -5.35
CA PHE C 219 -4.09 18.05 -6.23
C PHE C 219 -3.47 16.85 -5.53
N SER C 220 -2.87 15.96 -6.32
CA SER C 220 -2.16 14.81 -5.80
C SER C 220 -0.73 14.83 -6.27
N TYR C 221 0.17 14.13 -5.59
CA TYR C 221 1.57 14.13 -5.94
C TYR C 221 2.17 12.78 -5.59
N ASP C 222 3.11 12.36 -6.41
CA ASP C 222 3.83 11.14 -6.22
C ASP C 222 5.22 11.40 -6.74
N THR C 223 6.20 10.81 -6.09
CA THR C 223 7.58 11.06 -6.44
C THR C 223 8.01 9.91 -7.33
N ARG C 224 8.70 10.25 -8.42
CA ARG C 224 9.26 9.21 -9.30
C ARG C 224 10.36 8.43 -8.58
N HIS C 225 10.18 7.13 -8.40
CA HIS C 225 11.23 6.27 -7.81
C HIS C 225 11.69 6.78 -6.44
N PHE C 226 10.73 6.91 -5.53
CA PHE C 226 10.97 7.67 -4.32
C PHE C 226 12.15 7.16 -3.52
N ASP C 227 12.27 5.86 -3.34
CA ASP C 227 13.33 5.36 -2.47
C ASP C 227 14.70 5.82 -2.99
N SER C 228 14.92 5.73 -4.30
CA SER C 228 16.18 6.14 -4.90
C SER C 228 16.45 7.65 -4.87
N THR C 229 15.46 8.46 -4.52
CA THR C 229 15.64 9.91 -4.41
C THR C 229 15.96 10.33 -3.03
N VAL C 230 15.84 9.40 -2.08
CA VAL C 230 16.12 9.71 -0.68
C VAL C 230 17.64 9.75 -0.45
N THR C 231 18.11 10.89 0.05
CA THR C 231 19.56 11.11 0.29
C THR C 231 20.06 10.65 1.65
N GLU C 232 21.34 10.29 1.68
CA GLU C 232 22.07 10.09 2.95
C GLU C 232 21.67 11.12 3.98
N ARG C 233 21.60 12.37 3.58
CA ARG C 233 21.20 13.40 4.51
C ARG C 233 19.73 13.30 4.97
N ASP C 234 18.84 12.97 4.03
CA ASP C 234 17.45 12.69 4.38
C ASP C 234 17.36 11.59 5.48
N ILE C 235 18.18 10.57 5.33
CA ILE C 235 18.15 9.46 6.27
C ILE C 235 18.65 9.86 7.66
N ARG C 236 19.74 10.62 7.69
CA ARG C 236 20.27 11.15 8.97
C ARG C 236 19.29 12.09 9.63
N THR C 237 18.53 12.80 8.81
CA THR C 237 17.49 13.66 9.31
C THR C 237 16.33 12.81 9.84
N GLU C 238 16.12 11.64 9.25
CA GLU C 238 15.14 10.72 9.83
C GLU C 238 15.59 10.29 11.26
N GLU C 239 16.88 9.98 11.42
CA GLU C 239 17.42 9.70 12.77
C GLU C 239 17.15 10.80 13.77
N SER C 240 17.38 12.05 13.37
CA SER C 240 17.15 13.16 14.30
C SER C 240 15.72 13.18 14.70
N ILE C 241 14.82 12.77 13.81
CA ILE C 241 13.42 12.89 14.18
C ILE C 241 13.13 11.81 15.22
N TYR C 242 13.63 10.60 14.96
CA TYR C 242 13.50 9.50 15.93
C TYR C 242 14.10 9.88 17.28
N GLN C 243 15.34 10.39 17.23
CA GLN C 243 16.07 10.85 18.44
C GLN C 243 15.38 11.97 19.19
N ALA C 244 14.49 12.71 18.56
CA ALA C 244 13.79 13.74 19.30
C ALA C 244 12.78 13.17 20.32
N CYS C 245 12.43 11.90 20.20
CA CYS C 245 11.54 11.28 21.20
C CYS C 245 12.39 10.93 22.41
N SER C 246 11.75 10.76 23.56
CA SER C 246 12.47 10.27 24.73
C SER C 246 12.55 8.75 24.64
N LEU C 247 13.79 8.24 24.67
CA LEU C 247 14.13 6.84 24.50
C LEU C 247 15.23 6.40 25.48
N PRO C 248 15.12 5.17 26.00
CA PRO C 248 16.27 4.66 26.72
C PRO C 248 17.53 4.75 25.90
N GLU C 249 18.65 4.92 26.56
CA GLU C 249 19.88 5.26 25.92
C GLU C 249 20.30 4.13 25.00
N GLU C 250 19.91 2.92 25.36
CA GLU C 250 20.30 1.75 24.58
C GLU C 250 19.66 1.78 23.16
N ALA C 251 18.43 2.30 23.10
CA ALA C 251 17.72 2.55 21.83
C ALA C 251 18.44 3.61 20.98
N ARG C 252 18.78 4.75 21.60
CA ARG C 252 19.58 5.77 20.92
C ARG C 252 20.81 5.20 20.22
N THR C 253 21.55 4.34 20.91
CA THR C 253 22.79 3.79 20.37
C THR C 253 22.53 2.84 19.20
N ALA C 254 21.47 2.02 19.33
CA ALA C 254 21.11 1.04 18.28
C ALA C 254 20.55 1.72 17.02
N ILE C 255 19.69 2.70 17.28
CA ILE C 255 19.11 3.54 16.26
C ILE C 255 20.21 4.23 15.47
N HIS C 256 21.17 4.82 16.17
CA HIS C 256 22.28 5.51 15.49
C HIS C 256 23.10 4.53 14.67
N SER C 257 23.39 3.38 15.24
CA SER C 257 24.22 2.41 14.56
C SER C 257 23.50 1.82 13.35
N LEU C 258 22.18 1.62 13.50
CA LEU C 258 21.37 1.15 12.38
C LEU C 258 21.35 2.19 11.28
N THR C 259 21.11 3.45 11.64
CA THR C 259 21.25 4.54 10.68
C THR C 259 22.58 4.46 9.90
N GLU C 260 23.71 4.45 10.60
CA GLU C 260 25.02 4.61 9.90
C GLU C 260 25.46 3.35 9.22
N ARG C 261 25.13 2.18 9.77
CA ARG C 261 25.57 0.92 9.16
C ARG C 261 24.61 0.35 8.11
N LEU C 262 23.34 0.72 8.18
CA LEU C 262 22.30 0.12 7.33
C LEU C 262 21.47 1.13 6.53
N TYR C 263 20.84 2.06 7.22
CA TYR C 263 19.86 2.92 6.58
C TYR C 263 20.45 3.88 5.52
N VAL C 264 21.51 4.64 5.87
CA VAL C 264 22.15 5.59 4.92
C VAL C 264 22.80 4.91 3.72
N GLY C 265 23.15 3.64 3.82
CA GLY C 265 23.69 2.97 2.63
C GLY C 265 24.42 1.69 2.96
N GLY C 266 25.05 1.09 1.95
CA GLY C 266 25.86 -0.13 2.16
C GLY C 266 26.01 -0.99 0.93
N PRO C 267 26.79 -2.08 1.03
CA PRO C 267 26.93 -3.00 -0.08
C PRO C 267 25.71 -3.90 -0.22
N MET C 268 25.49 -4.35 -1.46
CA MET C 268 24.37 -5.19 -1.84
C MET C 268 24.91 -6.46 -2.50
N PHE C 269 24.38 -7.61 -2.08
CA PHE C 269 24.79 -8.88 -2.65
C PHE C 269 23.59 -9.50 -3.32
N ASN C 270 23.78 -10.18 -4.44
CA ASN C 270 22.68 -10.91 -5.06
C ASN C 270 22.47 -12.22 -4.32
N SER C 271 21.54 -13.05 -4.78
CA SER C 271 21.20 -14.25 -4.05
C SER C 271 22.21 -15.36 -4.24
N LYS C 272 23.03 -15.23 -5.29
CA LYS C 272 24.14 -16.15 -5.53
C LYS C 272 25.34 -15.80 -4.64
N GLY C 273 25.26 -14.73 -3.85
CA GLY C 273 26.35 -14.38 -2.93
C GLY C 273 27.35 -13.33 -3.43
N GLN C 274 27.36 -13.06 -4.73
CA GLN C 274 28.29 -12.10 -5.34
C GLN C 274 28.05 -10.67 -4.92
N THR C 275 29.08 -9.83 -5.03
CA THR C 275 28.91 -8.40 -4.77
C THR C 275 28.20 -7.79 -5.98
N CYS C 276 27.19 -6.97 -5.72
CA CYS C 276 26.30 -6.49 -6.76
C CYS C 276 26.40 -4.99 -6.96
N GLY C 277 26.55 -4.24 -5.88
CA GLY C 277 26.61 -2.81 -5.99
C GLY C 277 26.63 -2.13 -4.63
N TYR C 278 26.50 -0.81 -4.64
CA TYR C 278 26.52 -0.04 -3.41
C TYR C 278 25.41 0.97 -3.45
N ARG C 279 24.82 1.19 -2.29
CA ARG C 279 23.58 1.94 -2.16
C ARG C 279 23.79 3.16 -1.29
N ARG C 280 23.28 4.31 -1.70
CA ARG C 280 23.35 5.54 -0.89
C ARG C 280 21.97 6.20 -0.80
N CYS C 281 20.94 5.36 -0.94
CA CYS C 281 19.54 5.75 -0.79
C CYS C 281 18.81 4.74 0.10
N ARG C 282 17.49 4.91 0.22
CA ARG C 282 16.66 4.05 1.00
C ARG C 282 16.75 2.59 0.52
N ALA C 283 17.02 1.69 1.45
CA ALA C 283 16.73 0.27 1.24
C ALA C 283 15.25 0.03 1.62
N SER C 284 14.46 -0.28 0.61
CA SER C 284 13.06 -0.59 0.80
C SER C 284 13.06 -2.04 1.14
N GLY C 285 12.77 -2.35 2.39
CA GLY C 285 13.08 -3.67 2.95
C GLY C 285 13.44 -3.60 4.44
N VAL C 286 13.97 -2.47 4.86
CA VAL C 286 14.22 -2.22 6.26
C VAL C 286 12.93 -1.78 6.95
N LEU C 287 12.96 -1.89 8.27
CA LEU C 287 11.78 -1.67 9.09
C LEU C 287 11.21 -0.27 8.93
N THR C 288 12.13 0.69 8.84
CA THR C 288 11.76 2.10 8.76
C THR C 288 11.33 2.56 7.38
N THR C 289 11.18 1.64 6.42
CA THR C 289 10.78 2.03 5.07
C THR C 289 9.46 2.86 5.02
N SER C 290 8.36 2.39 5.60
CA SER C 290 7.08 3.14 5.55
C SER C 290 7.09 4.42 6.34
N MET C 291 7.52 4.31 7.59
CA MET C 291 7.58 5.44 8.52
C MET C 291 8.43 6.53 7.90
N GLY C 292 9.63 6.16 7.47
CA GLY C 292 10.56 7.09 6.84
C GLY C 292 9.99 7.74 5.59
N ASN C 293 9.50 6.92 4.66
CA ASN C 293 8.90 7.44 3.42
C ASN C 293 7.79 8.41 3.74
N THR C 294 6.92 8.03 4.64
CA THR C 294 5.81 8.88 5.03
C THR C 294 6.25 10.19 5.67
N ILE C 295 7.26 10.14 6.53
CA ILE C 295 7.67 11.33 7.27
C ILE C 295 8.50 12.25 6.41
N THR C 296 9.42 11.68 5.65
CA THR C 296 10.21 12.52 4.79
C THR C 296 9.35 13.11 3.68
N CYS C 297 8.35 12.38 3.21
CA CYS C 297 7.42 12.95 2.26
C CYS C 297 6.64 14.08 2.88
N TYR C 298 6.18 13.90 4.10
CA TYR C 298 5.47 14.99 4.77
C TYR C 298 6.32 16.26 4.95
N VAL C 299 7.62 16.08 5.20
CA VAL C 299 8.48 17.20 5.50
C VAL C 299 8.62 18.04 4.26
N LYS C 300 9.14 17.40 3.24
CA LYS C 300 9.30 18.01 1.92
C LYS C 300 7.99 18.66 1.42
N ALA C 301 6.91 17.90 1.41
CA ALA C 301 5.63 18.38 0.90
C ALA C 301 5.11 19.59 1.63
N LEU C 302 5.16 19.54 2.95
CA LEU C 302 4.69 20.70 3.73
C LEU C 302 5.59 21.95 3.50
N ALA C 303 6.90 21.71 3.35
CA ALA C 303 7.82 22.75 2.95
C ALA C 303 7.45 23.31 1.58
N ALA C 304 7.27 22.41 0.60
CA ALA C 304 6.85 22.81 -0.73
C ALA C 304 5.56 23.64 -0.72
N CYS C 305 4.57 23.24 0.06
CA CYS C 305 3.34 24.05 0.11
C CYS C 305 3.68 25.47 0.51
N LYS C 306 4.55 25.60 1.50
CA LYS C 306 4.97 26.89 2.00
C LYS C 306 5.82 27.64 0.98
N ALA C 307 6.74 26.97 0.30
CA ALA C 307 7.50 27.60 -0.78
C ALA C 307 6.61 28.15 -1.86
N ALA C 308 5.43 27.57 -2.06
CA ALA C 308 4.62 27.86 -3.23
C ALA C 308 3.36 28.65 -2.94
N GLY C 309 3.10 28.98 -1.68
CA GLY C 309 1.93 29.80 -1.35
C GLY C 309 0.60 29.06 -1.26
N ILE C 310 0.62 27.76 -0.95
CA ILE C 310 -0.61 27.01 -0.86
C ILE C 310 -1.36 27.50 0.38
N VAL C 311 -2.55 28.04 0.21
CA VAL C 311 -3.26 28.62 1.32
C VAL C 311 -4.10 27.58 2.00
N ALA C 312 -4.02 27.50 3.31
CA ALA C 312 -4.87 26.62 4.11
C ALA C 312 -4.85 25.15 3.65
N PRO C 313 -3.65 24.60 3.50
CA PRO C 313 -3.56 23.22 3.07
C PRO C 313 -4.05 22.23 4.12
N THR C 314 -4.93 21.31 3.71
CA THR C 314 -5.15 20.04 4.40
C THR C 314 -4.55 18.88 3.61
N MET C 315 -3.73 18.08 4.27
CA MET C 315 -2.98 17.02 3.61
C MET C 315 -3.43 15.65 4.07
N LEU C 316 -3.15 14.68 3.21
CA LEU C 316 -3.26 13.29 3.56
C LEU C 316 -2.07 12.62 2.95
N VAL C 317 -1.26 11.95 3.76
CA VAL C 317 0.01 11.32 3.28
C VAL C 317 0.12 9.82 3.59
N CYS C 318 0.54 9.08 2.58
CA CYS C 318 0.69 7.63 2.61
C CYS C 318 1.98 7.32 1.86
N GLY C 319 3.08 7.14 2.57
CA GLY C 319 4.35 6.91 1.91
C GLY C 319 4.62 8.11 1.03
N ASP C 320 5.01 7.89 -0.23
CA ASP C 320 5.25 9.01 -1.17
C ASP C 320 4.00 9.54 -1.88
N ASP C 321 2.82 9.15 -1.43
CA ASP C 321 1.59 9.50 -2.10
C ASP C 321 0.91 10.57 -1.28
N LEU C 322 0.44 11.58 -1.98
CA LEU C 322 0.08 12.81 -1.33
C LEU C 322 -1.17 13.46 -1.94
N ILE C 323 -2.09 13.92 -1.09
CA ILE C 323 -3.13 14.81 -1.53
C ILE C 323 -3.11 16.05 -0.69
N VAL C 324 -3.25 17.20 -1.33
CA VAL C 324 -3.44 18.47 -0.66
C VAL C 324 -4.70 19.15 -1.17
N ILE C 325 -5.57 19.55 -0.25
CA ILE C 325 -6.75 20.29 -0.58
C ILE C 325 -6.65 21.63 0.14
N SER C 326 -6.74 22.72 -0.62
CA SER C 326 -6.37 24.05 -0.17
C SER C 326 -7.36 25.04 -0.69
N GLU C 327 -7.16 26.31 -0.34
CA GLU C 327 -8.02 27.41 -0.81
C GLU C 327 -7.48 27.85 -2.15
N SER C 328 -8.31 27.74 -3.17
CA SER C 328 -7.96 28.23 -4.51
C SER C 328 -7.64 29.73 -4.48
N GLN C 329 -6.57 30.13 -5.17
CA GLN C 329 -6.28 31.55 -5.41
C GLN C 329 -6.64 32.00 -6.88
N GLY C 330 -7.64 31.35 -7.49
CA GLY C 330 -7.96 31.50 -8.91
C GLY C 330 -7.13 30.57 -9.75
N THR C 331 -7.63 30.16 -10.91
CA THR C 331 -6.92 29.13 -11.66
C THR C 331 -5.56 29.60 -12.15
N GLU C 332 -5.43 30.88 -12.48
CA GLU C 332 -4.14 31.41 -12.94
C GLU C 332 -3.07 31.23 -11.85
N GLU C 333 -3.37 31.71 -10.63
CA GLU C 333 -2.43 31.57 -9.55
C GLU C 333 -2.25 30.09 -9.17
N ASP C 334 -3.34 29.32 -9.11
CA ASP C 334 -3.26 27.89 -8.73
C ASP C 334 -2.27 27.15 -9.64
N GLU C 335 -2.27 27.45 -10.94
CA GLU C 335 -1.40 26.71 -11.83
C GLU C 335 0.05 27.12 -11.58
N ARG C 336 0.29 28.40 -11.32
CA ARG C 336 1.66 28.87 -11.03
C ARG C 336 2.17 28.23 -9.73
N ASN C 337 1.40 28.36 -8.68
CA ASN C 337 1.71 27.68 -7.42
C ASN C 337 2.07 26.20 -7.53
N LEU C 338 1.29 25.41 -8.26
CA LEU C 338 1.67 24.00 -8.46
C LEU C 338 2.99 23.79 -9.18
N ARG C 339 3.35 24.71 -10.07
CA ARG C 339 4.67 24.63 -10.70
C ARG C 339 5.74 24.93 -9.65
N ALA C 340 5.49 25.89 -8.78
CA ALA C 340 6.42 26.23 -7.69
C ALA C 340 6.59 25.05 -6.74
N PHE C 341 5.46 24.48 -6.32
CA PHE C 341 5.46 23.24 -5.54
C PHE C 341 6.37 22.21 -6.15
N THR C 342 6.17 21.93 -7.44
CA THR C 342 6.94 20.88 -8.08
C THR C 342 8.41 21.23 -8.12
N GLU C 343 8.67 22.53 -8.33
CA GLU C 343 10.03 23.06 -8.40
C GLU C 343 10.73 22.89 -7.07
N ALA C 344 10.05 23.26 -5.97
CA ALA C 344 10.57 23.05 -4.62
C ALA C 344 10.82 21.56 -4.31
N MET C 345 9.81 20.72 -4.55
CA MET C 345 9.97 19.32 -4.31
C MET C 345 11.16 18.80 -5.07
N THR C 346 11.32 19.27 -6.30
CA THR C 346 12.46 18.83 -7.12
C THR C 346 13.79 19.26 -6.52
N ARG C 347 13.82 20.45 -5.94
CA ARG C 347 14.99 20.92 -5.22
C ARG C 347 15.23 20.05 -4.01
N TYR C 348 14.16 19.65 -3.33
CA TYR C 348 14.31 18.81 -2.16
C TYR C 348 14.67 17.36 -2.50
N SER C 349 14.92 17.08 -3.78
CA SER C 349 15.18 15.71 -4.26
C SER C 349 13.97 14.75 -4.09
N ALA C 350 12.82 15.23 -4.53
CA ALA C 350 11.61 14.46 -4.57
C ALA C 350 10.85 14.85 -5.87
N PRO C 351 11.44 14.53 -7.03
CA PRO C 351 10.82 14.98 -8.29
C PRO C 351 9.61 14.14 -8.66
N PRO C 352 8.63 14.70 -9.35
CA PRO C 352 7.37 14.02 -9.66
C PRO C 352 7.51 13.02 -10.78
N GLY C 353 6.70 11.96 -10.77
CA GLY C 353 6.48 11.15 -11.97
C GLY C 353 5.74 12.03 -12.99
N ASP C 354 4.46 12.31 -12.73
CA ASP C 354 3.68 13.18 -13.60
C ASP C 354 3.51 14.51 -12.92
N PRO C 355 3.62 15.61 -13.66
CA PRO C 355 3.53 16.87 -12.95
C PRO C 355 2.14 16.99 -12.36
N PRO C 356 2.03 17.56 -11.17
CA PRO C 356 0.71 17.69 -10.58
C PRO C 356 -0.09 18.75 -11.32
N ARG C 357 -1.40 18.75 -11.09
CA ARG C 357 -2.32 19.66 -11.74
C ARG C 357 -3.45 20.05 -10.80
N PRO C 358 -3.82 21.32 -10.74
CA PRO C 358 -4.96 21.70 -9.89
C PRO C 358 -6.26 21.12 -10.42
N GLU C 359 -7.11 20.69 -9.50
CA GLU C 359 -8.42 20.19 -9.84
C GLU C 359 -9.46 20.80 -8.90
N TYR C 360 -10.71 20.79 -9.35
CA TYR C 360 -11.79 21.49 -8.64
C TYR C 360 -13.03 20.60 -8.53
N ASP C 361 -12.79 19.29 -8.63
CA ASP C 361 -13.82 18.28 -8.55
C ASP C 361 -13.10 17.09 -7.96
N LEU C 362 -13.65 16.63 -6.86
CA LEU C 362 -13.00 15.63 -6.06
C LEU C 362 -12.85 14.33 -6.82
N GLU C 363 -13.75 14.01 -7.76
CA GLU C 363 -13.66 12.74 -8.51
C GLU C 363 -12.37 12.63 -9.32
N LEU C 364 -11.84 13.77 -9.78
CA LEU C 364 -10.68 13.79 -10.66
C LEU C 364 -9.33 13.74 -9.92
N ILE C 365 -9.31 13.58 -8.61
CA ILE C 365 -8.04 13.46 -7.91
C ILE C 365 -7.76 12.02 -7.51
N THR C 366 -6.63 11.50 -7.96
CA THR C 366 -6.21 10.11 -7.72
C THR C 366 -4.95 10.01 -6.87
N SER C 367 -4.99 9.21 -5.81
CA SER C 367 -3.85 8.98 -4.93
C SER C 367 -3.99 7.62 -4.28
N CYS C 368 -2.85 6.97 -4.07
CA CYS C 368 -2.79 5.56 -3.66
C CYS C 368 -3.64 4.72 -4.64
N SER C 369 -3.49 5.01 -5.93
CA SER C 369 -4.23 4.34 -7.00
C SER C 369 -5.76 4.36 -6.83
N SER C 370 -6.28 5.27 -6.00
CA SER C 370 -7.69 5.29 -5.73
C SER C 370 -8.23 6.74 -5.79
N ASN C 371 -9.55 6.85 -5.91
CA ASN C 371 -10.23 8.13 -5.90
C ASN C 371 -11.63 8.03 -5.31
N VAL C 372 -12.16 9.18 -4.94
CA VAL C 372 -13.49 9.24 -4.44
C VAL C 372 -14.44 9.37 -5.60
N SER C 373 -15.56 8.67 -5.53
CA SER C 373 -16.63 8.84 -6.51
C SER C 373 -17.96 8.93 -5.78
N VAL C 374 -19.03 9.05 -6.57
CA VAL C 374 -20.36 9.28 -6.04
C VAL C 374 -21.42 8.49 -6.77
N ALA C 375 -22.38 7.99 -5.98
CA ALA C 375 -23.58 7.34 -6.47
C ALA C 375 -24.78 7.78 -5.62
N LEU C 376 -25.97 7.29 -5.98
CA LEU C 376 -27.20 7.52 -5.23
C LEU C 376 -27.54 6.32 -4.36
N GLY C 377 -28.03 6.60 -3.16
CA GLY C 377 -28.37 5.57 -2.20
C GLY C 377 -29.83 5.14 -2.33
N PRO C 378 -30.27 4.23 -1.42
CA PRO C 378 -31.63 3.67 -1.46
C PRO C 378 -32.71 4.73 -1.41
N ARG C 379 -32.45 5.85 -0.74
CA ARG C 379 -33.44 6.92 -0.60
C ARG C 379 -33.14 8.13 -1.50
N GLY C 380 -32.24 7.98 -2.48
CA GLY C 380 -31.97 9.04 -3.48
C GLY C 380 -30.93 10.09 -3.08
N ARG C 381 -30.35 9.95 -1.90
CA ARG C 381 -29.36 10.88 -1.42
C ARG C 381 -28.00 10.52 -2.08
N ARG C 382 -27.12 11.51 -2.31
CA ARG C 382 -25.74 11.27 -2.74
C ARG C 382 -24.93 10.46 -1.74
N ARG C 383 -24.17 9.48 -2.26
CA ARG C 383 -23.33 8.58 -1.46
C ARG C 383 -21.91 8.55 -2.03
N TYR C 384 -20.94 8.92 -1.20
CA TYR C 384 -19.57 9.09 -1.63
C TYR C 384 -18.80 7.84 -1.22
N TYR C 385 -17.85 7.40 -2.01
CA TYR C 385 -17.15 6.15 -1.68
C TYR C 385 -15.84 6.08 -2.42
N LEU C 386 -14.99 5.16 -2.02
CA LEU C 386 -13.67 5.03 -2.58
C LEU C 386 -13.68 3.92 -3.64
N THR C 387 -13.05 4.17 -4.78
CA THR C 387 -12.95 3.22 -5.87
C THR C 387 -11.61 3.37 -6.55
N ARG C 388 -11.41 2.66 -7.64
CA ARG C 388 -10.17 2.67 -8.38
C ARG C 388 -10.33 2.00 -9.71
N ASP C 389 -9.37 2.20 -10.58
CA ASP C 389 -9.33 1.47 -11.82
C ASP C 389 -9.26 -0.02 -11.46
N PRO C 390 -10.14 -0.84 -12.04
CA PRO C 390 -10.17 -2.28 -11.76
C PRO C 390 -9.18 -3.12 -12.54
N THR C 391 -8.42 -2.50 -13.42
CA THR C 391 -7.57 -3.25 -14.34
C THR C 391 -6.63 -4.20 -13.60
N THR C 392 -5.80 -3.64 -12.73
CA THR C 392 -4.87 -4.44 -11.98
C THR C 392 -5.55 -5.43 -11.04
N PRO C 393 -6.62 -5.01 -10.34
CA PRO C 393 -7.30 -6.06 -9.58
C PRO C 393 -7.82 -7.23 -10.45
N LEU C 394 -8.29 -6.92 -11.64
CA LEU C 394 -8.73 -7.98 -12.56
C LEU C 394 -7.56 -8.84 -13.00
N ALA C 395 -6.44 -8.21 -13.31
CA ALA C 395 -5.26 -8.99 -13.65
C ALA C 395 -4.84 -9.93 -12.53
N ARG C 396 -4.84 -9.46 -11.30
CA ARG C 396 -4.44 -10.30 -10.18
C ARG C 396 -5.47 -11.36 -9.86
N ALA C 397 -6.72 -11.06 -10.17
CA ALA C 397 -7.77 -12.06 -10.05
C ALA C 397 -7.52 -13.23 -10.98
N ALA C 398 -6.68 -13.03 -12.00
CA ALA C 398 -6.38 -14.07 -12.96
C ALA C 398 -4.98 -14.62 -12.84
N TRP C 399 -4.32 -14.40 -11.72
CA TRP C 399 -3.00 -15.01 -11.53
C TRP C 399 -3.18 -16.36 -10.87
N GLU C 400 -3.00 -17.43 -11.66
CA GLU C 400 -3.15 -18.84 -11.21
C GLU C 400 -1.94 -19.63 -11.61
N THR C 401 -1.29 -20.26 -10.65
CA THR C 401 -0.13 -21.12 -10.92
C THR C 401 -0.17 -22.33 -10.02
N VAL C 402 0.78 -23.23 -10.19
CA VAL C 402 0.90 -24.36 -9.27
C VAL C 402 0.92 -23.92 -7.80
N ARG C 403 1.46 -22.76 -7.50
CA ARG C 403 1.70 -22.34 -6.13
C ARG C 403 0.90 -21.14 -5.70
N HIS C 404 0.18 -20.50 -6.61
CA HIS C 404 -0.64 -19.34 -6.24
C HIS C 404 -2.09 -19.47 -6.72
N SER C 405 -3.00 -19.38 -5.75
CA SER C 405 -4.43 -19.29 -6.01
C SER C 405 -4.85 -17.83 -5.93
N PRO C 406 -5.71 -17.38 -6.87
CA PRO C 406 -6.14 -15.98 -6.87
C PRO C 406 -7.34 -15.66 -5.95
N ILE C 407 -7.91 -16.66 -5.29
CA ILE C 407 -9.14 -16.47 -4.53
C ILE C 407 -8.99 -15.44 -3.41
N ASN C 408 -7.83 -15.44 -2.75
CA ASN C 408 -7.57 -14.44 -1.71
C ASN C 408 -7.58 -13.02 -2.27
N SER C 409 -6.97 -12.87 -3.44
CA SER C 409 -6.96 -11.60 -4.15
C SER C 409 -8.40 -11.11 -4.35
N TRP C 410 -9.30 -12.01 -4.79
CA TRP C 410 -10.69 -11.61 -4.99
C TRP C 410 -11.30 -11.09 -3.71
N LEU C 411 -11.09 -11.86 -2.64
CA LEU C 411 -11.65 -11.54 -1.35
C LEU C 411 -11.17 -10.18 -0.87
N GLY C 412 -9.88 -9.92 -0.98
CA GLY C 412 -9.32 -8.65 -0.52
C GLY C 412 -9.94 -7.46 -1.17
N ASN C 413 -10.24 -7.57 -2.46
CA ASN C 413 -10.87 -6.50 -3.20
C ASN C 413 -12.35 -6.38 -2.88
N ILE C 414 -13.03 -7.50 -2.66
CA ILE C 414 -14.45 -7.46 -2.35
C ILE C 414 -14.65 -6.65 -1.08
N ILE C 415 -13.77 -6.83 -0.10
CA ILE C 415 -13.87 -6.16 1.21
C ILE C 415 -13.47 -4.66 1.13
N GLN C 416 -12.31 -4.36 0.56
CA GLN C 416 -11.88 -2.97 0.40
C GLN C 416 -12.80 -2.11 -0.46
N TYR C 417 -13.42 -2.71 -1.47
CA TYR C 417 -14.10 -1.94 -2.51
C TYR C 417 -15.50 -2.45 -2.76
N ALA C 418 -16.11 -3.00 -1.71
CA ALA C 418 -17.47 -3.52 -1.74
C ALA C 418 -18.51 -2.58 -2.34
N PRO C 419 -18.38 -1.28 -2.08
CA PRO C 419 -19.45 -0.44 -2.67
C PRO C 419 -19.28 -0.15 -4.17
N THR C 420 -18.19 -0.60 -4.78
CA THR C 420 -17.93 -0.28 -6.19
C THR C 420 -18.77 -1.13 -7.13
N ILE C 421 -19.17 -0.54 -8.26
CA ILE C 421 -19.96 -1.26 -9.24
C ILE C 421 -19.22 -2.49 -9.76
N TRP C 422 -17.89 -2.43 -9.87
CA TRP C 422 -17.07 -3.56 -10.38
C TRP C 422 -16.89 -4.72 -9.42
N VAL C 423 -16.91 -4.45 -8.13
CA VAL C 423 -16.87 -5.52 -7.12
C VAL C 423 -18.25 -6.18 -7.06
N ARG C 424 -19.27 -5.36 -7.07
CA ARG C 424 -20.62 -5.85 -6.83
C ARG C 424 -21.11 -6.72 -7.96
N MET C 425 -20.91 -6.24 -9.18
CA MET C 425 -21.35 -6.93 -10.37
C MET C 425 -20.38 -8.02 -10.86
N VAL C 426 -19.08 -7.78 -10.76
CA VAL C 426 -18.12 -8.71 -11.33
C VAL C 426 -17.47 -9.60 -10.29
N LEU C 427 -16.67 -9.04 -9.39
CA LEU C 427 -15.93 -9.93 -8.48
C LEU C 427 -16.80 -10.73 -7.51
N MET C 428 -17.88 -10.12 -7.01
CA MET C 428 -18.74 -10.79 -6.05
C MET C 428 -19.43 -11.95 -6.75
N THR C 429 -19.97 -11.68 -7.94
CA THR C 429 -20.63 -12.71 -8.75
C THR C 429 -19.70 -13.87 -9.03
N HIS C 430 -18.47 -13.56 -9.43
CA HIS C 430 -17.51 -14.62 -9.77
C HIS C 430 -17.11 -15.42 -8.55
N PHE C 431 -16.78 -14.71 -7.48
CA PHE C 431 -16.37 -15.30 -6.19
C PHE C 431 -17.43 -16.29 -5.66
N PHE C 432 -18.65 -15.82 -5.54
CA PHE C 432 -19.67 -16.68 -5.01
C PHE C 432 -19.93 -17.84 -5.93
N SER C 433 -20.04 -17.60 -7.24
CA SER C 433 -20.19 -18.69 -8.20
C SER C 433 -19.09 -19.77 -8.07
N ILE C 434 -17.84 -19.37 -7.94
CA ILE C 434 -16.76 -20.35 -7.84
C ILE C 434 -16.87 -21.22 -6.58
N LEU C 435 -17.10 -20.60 -5.44
CA LEU C 435 -17.11 -21.30 -4.17
C LEU C 435 -18.33 -22.21 -4.03
N MET C 436 -19.46 -21.80 -4.55
CA MET C 436 -20.64 -22.67 -4.53
C MET C 436 -20.35 -23.95 -5.29
N VAL C 437 -19.90 -23.81 -6.53
CA VAL C 437 -19.59 -24.98 -7.38
C VAL C 437 -18.49 -25.85 -6.76
N GLN C 438 -17.47 -25.24 -6.16
CA GLN C 438 -16.49 -26.01 -5.39
C GLN C 438 -17.12 -26.61 -4.13
N ASP C 439 -18.28 -26.11 -3.72
CA ASP C 439 -18.86 -26.40 -2.41
C ASP C 439 -17.90 -26.05 -1.24
N THR C 440 -17.37 -24.82 -1.27
CA THR C 440 -16.42 -24.34 -0.25
C THR C 440 -16.82 -23.00 0.34
N LEU C 441 -18.11 -22.69 0.26
CA LEU C 441 -18.66 -21.45 0.79
C LEU C 441 -18.37 -21.20 2.24
N ASP C 442 -18.48 -22.25 3.06
CA ASP C 442 -18.25 -22.10 4.51
C ASP C 442 -16.81 -22.36 4.93
N GLN C 443 -15.88 -22.40 3.99
CA GLN C 443 -14.49 -22.57 4.35
C GLN C 443 -13.83 -21.20 4.49
N ASN C 444 -12.99 -21.06 5.50
CA ASN C 444 -12.33 -19.79 5.74
C ASN C 444 -11.21 -19.51 4.77
N LEU C 445 -11.01 -18.22 4.50
CA LEU C 445 -9.97 -17.72 3.62
C LEU C 445 -9.18 -16.66 4.32
N ASN C 446 -7.98 -16.38 3.85
CA ASN C 446 -7.17 -15.28 4.38
C ASN C 446 -7.23 -13.98 3.59
N PHE C 447 -7.40 -12.88 4.31
CA PHE C 447 -7.49 -11.55 3.73
C PHE C 447 -6.22 -10.76 4.10
N GLU C 448 -5.39 -10.42 3.11
CA GLU C 448 -4.11 -9.67 3.31
C GLU C 448 -4.27 -8.15 3.24
N MET C 449 -3.66 -7.44 4.20
CA MET C 449 -3.78 -5.98 4.27
C MET C 449 -2.70 -5.37 5.19
N TYR C 450 -1.89 -4.46 4.62
CA TYR C 450 -0.72 -3.84 5.28
C TYR C 450 0.21 -4.84 5.98
N GLY C 451 0.39 -6.01 5.39
CA GLY C 451 1.27 -7.03 5.97
C GLY C 451 0.55 -8.01 6.89
N SER C 452 -0.64 -7.65 7.35
CA SER C 452 -1.47 -8.55 8.16
C SER C 452 -2.41 -9.42 7.32
N VAL C 453 -2.70 -10.60 7.84
CA VAL C 453 -3.67 -11.50 7.25
C VAL C 453 -4.78 -11.70 8.28
N TYR C 454 -6.01 -11.79 7.80
CA TYR C 454 -7.15 -12.04 8.66
C TYR C 454 -7.95 -13.17 8.06
N SER C 455 -8.26 -14.16 8.90
CA SER C 455 -9.14 -15.24 8.50
C SER C 455 -10.54 -14.67 8.34
N VAL C 456 -11.18 -14.94 7.21
CA VAL C 456 -12.55 -14.49 7.00
C VAL C 456 -13.40 -15.62 6.44
N ASN C 457 -14.66 -15.66 6.84
CA ASN C 457 -15.59 -16.62 6.28
C ASN C 457 -16.50 -15.96 5.26
N PRO C 458 -16.57 -16.52 4.05
CA PRO C 458 -17.36 -15.93 2.99
C PRO C 458 -18.79 -15.64 3.38
N LEU C 459 -19.36 -16.47 4.25
CA LEU C 459 -20.76 -16.31 4.65
C LEU C 459 -20.98 -15.14 5.59
N ASP C 460 -19.90 -14.58 6.11
CA ASP C 460 -19.92 -13.37 6.91
C ASP C 460 -19.74 -12.08 6.15
N LEU C 461 -19.62 -12.15 4.82
CA LEU C 461 -19.35 -10.91 4.06
C LEU C 461 -20.40 -9.86 4.30
N PRO C 462 -21.68 -10.25 4.33
CA PRO C 462 -22.63 -9.18 4.45
C PRO C 462 -22.45 -8.38 5.74
N ALA C 463 -22.09 -9.06 6.83
CA ALA C 463 -21.99 -8.35 8.10
C ALA C 463 -20.77 -7.44 8.06
N ILE C 464 -19.63 -8.02 7.71
CA ILE C 464 -18.35 -7.31 7.55
C ILE C 464 -18.49 -6.07 6.68
N ILE C 465 -19.26 -6.20 5.62
CA ILE C 465 -19.44 -5.09 4.72
C ILE C 465 -20.30 -4.02 5.36
N GLU C 466 -21.35 -4.41 6.07
CA GLU C 466 -22.17 -3.42 6.78
C GLU C 466 -21.32 -2.68 7.78
N ARG C 467 -20.54 -3.44 8.55
CA ARG C 467 -19.72 -2.79 9.53
C ARG C 467 -18.78 -1.81 8.86
N LEU C 468 -18.10 -2.26 7.82
CA LEU C 468 -17.00 -1.50 7.24
C LEU C 468 -17.39 -0.39 6.29
N HIS C 469 -18.55 -0.49 5.65
CA HIS C 469 -18.93 0.45 4.60
C HIS C 469 -20.32 1.02 4.73
N GLY C 470 -21.12 0.52 5.65
CA GLY C 470 -22.51 0.92 5.71
C GLY C 470 -23.47 0.08 4.87
N LEU C 471 -24.71 0.05 5.34
CA LEU C 471 -25.79 -0.73 4.73
C LEU C 471 -26.13 -0.21 3.34
N ASP C 472 -25.70 1.00 3.03
CA ASP C 472 -25.91 1.56 1.70
C ASP C 472 -25.07 0.89 0.63
N ALA C 473 -23.93 0.32 1.01
CA ALA C 473 -23.10 -0.46 0.12
C ALA C 473 -23.91 -1.53 -0.62
N PHE C 474 -25.06 -1.93 -0.06
CA PHE C 474 -25.92 -2.90 -0.73
C PHE C 474 -27.01 -2.33 -1.60
N SER C 475 -27.09 -1.01 -1.74
CA SER C 475 -28.23 -0.39 -2.41
C SER C 475 -27.92 0.80 -3.30
N MET C 476 -26.66 0.99 -3.62
CA MET C 476 -26.25 2.11 -4.43
C MET C 476 -26.53 1.90 -5.90
N HIS C 477 -26.96 2.97 -6.56
CA HIS C 477 -27.31 2.91 -7.97
C HIS C 477 -26.96 4.24 -8.64
N THR C 478 -27.00 4.27 -9.96
CA THR C 478 -26.71 5.50 -10.71
C THR C 478 -25.25 5.90 -10.48
N TYR C 479 -24.33 4.97 -10.74
CA TYR C 479 -22.91 5.28 -10.65
C TYR C 479 -22.52 6.33 -11.69
N SER C 480 -21.37 6.96 -11.51
CA SER C 480 -21.00 8.13 -12.31
C SER C 480 -20.50 7.76 -13.68
N HIS C 481 -20.48 8.74 -14.56
CA HIS C 481 -20.05 8.53 -15.92
C HIS C 481 -18.61 8.03 -15.98
N HIS C 482 -17.71 8.70 -15.28
CA HIS C 482 -16.30 8.24 -15.19
C HIS C 482 -16.22 6.82 -14.79
N GLU C 483 -17.01 6.48 -13.79
CA GLU C 483 -16.94 5.15 -13.22
C GLU C 483 -17.51 4.05 -14.17
N LEU C 484 -18.67 4.31 -14.78
CA LEU C 484 -19.19 3.38 -15.79
C LEU C 484 -18.26 3.28 -16.99
N THR C 485 -17.71 4.40 -17.45
CA THR C 485 -16.77 4.33 -18.58
C THR C 485 -15.55 3.47 -18.25
N ARG C 486 -14.96 3.71 -17.09
CA ARG C 486 -13.71 3.07 -16.76
C ARG C 486 -13.92 1.56 -16.60
N VAL C 487 -15.02 1.17 -15.95
CA VAL C 487 -15.26 -0.24 -15.71
C VAL C 487 -15.53 -0.99 -17.01
N ALA C 488 -16.34 -0.40 -17.87
CA ALA C 488 -16.66 -1.00 -19.18
C ALA C 488 -15.38 -1.23 -19.93
N SER C 489 -14.55 -0.21 -19.90
CA SER C 489 -13.35 -0.20 -20.65
C SER C 489 -12.39 -1.25 -20.12
N ALA C 490 -12.29 -1.41 -18.81
CA ALA C 490 -11.34 -2.38 -18.25
C ALA C 490 -11.79 -3.80 -18.55
N LEU C 491 -13.10 -4.05 -18.54
CA LEU C 491 -13.61 -5.37 -18.81
C LEU C 491 -13.33 -5.73 -20.26
N ARG C 492 -13.48 -4.75 -21.14
CA ARG C 492 -13.21 -4.95 -22.56
C ARG C 492 -11.74 -5.26 -22.78
N LYS C 493 -10.87 -4.52 -22.11
CA LYS C 493 -9.43 -4.65 -22.24
C LYS C 493 -8.88 -6.00 -21.79
N LEU C 494 -9.55 -6.67 -20.84
CA LEU C 494 -9.10 -7.97 -20.36
C LEU C 494 -9.94 -9.11 -20.94
N GLY C 495 -10.88 -8.78 -21.80
CA GLY C 495 -11.67 -9.81 -22.47
C GLY C 495 -12.65 -10.47 -21.52
N ALA C 496 -13.30 -9.66 -20.70
CA ALA C 496 -14.21 -10.17 -19.70
C ALA C 496 -15.61 -9.87 -20.16
N PRO C 497 -16.60 -10.64 -19.71
CA PRO C 497 -17.94 -10.28 -20.14
C PRO C 497 -18.31 -8.85 -19.70
N PRO C 498 -19.18 -8.20 -20.47
CA PRO C 498 -19.64 -6.87 -20.07
C PRO C 498 -20.68 -6.94 -18.97
N LEU C 499 -20.98 -5.79 -18.39
CA LEU C 499 -21.78 -5.73 -17.18
C LEU C 499 -23.12 -6.48 -17.30
N ARG C 500 -23.82 -6.23 -18.40
CA ARG C 500 -25.08 -6.93 -18.77
C ARG C 500 -25.07 -8.45 -18.53
N VAL C 501 -23.96 -9.06 -18.91
CA VAL C 501 -23.82 -10.50 -18.74
C VAL C 501 -23.66 -10.84 -17.28
N TRP C 502 -22.87 -10.04 -16.56
CA TRP C 502 -22.66 -10.29 -15.13
C TRP C 502 -23.97 -10.14 -14.39
N LYS C 503 -24.82 -9.24 -14.86
CA LYS C 503 -26.18 -9.17 -14.32
C LYS C 503 -26.92 -10.51 -14.48
N SER C 504 -26.85 -11.18 -15.63
CA SER C 504 -27.49 -12.49 -15.77
C SER C 504 -26.88 -13.45 -14.81
N ARG C 505 -25.56 -13.55 -14.82
CA ARG C 505 -24.92 -14.55 -13.98
C ARG C 505 -25.27 -14.30 -12.53
N ALA C 506 -25.33 -13.04 -12.16
CA ALA C 506 -25.66 -12.68 -10.78
C ALA C 506 -27.07 -13.13 -10.33
N ARG C 507 -28.07 -13.00 -11.20
CA ARG C 507 -29.43 -13.52 -10.94
C ARG C 507 -29.40 -15.00 -10.62
N ALA C 508 -28.63 -15.76 -11.39
CA ALA C 508 -28.45 -17.18 -11.11
C ALA C 508 -27.74 -17.45 -9.78
N VAL C 509 -26.63 -16.77 -9.53
CA VAL C 509 -25.93 -16.96 -8.26
C VAL C 509 -26.87 -16.62 -7.09
N ARG C 510 -27.59 -15.51 -7.22
CA ARG C 510 -28.50 -15.08 -6.19
C ARG C 510 -29.48 -16.21 -5.82
N ALA C 511 -30.19 -16.71 -6.83
CA ALA C 511 -31.15 -17.78 -6.61
C ALA C 511 -30.52 -19.01 -5.94
N SER C 512 -29.37 -19.46 -6.40
CA SER C 512 -28.69 -20.59 -5.72
C SER C 512 -28.46 -20.34 -4.25
N LEU C 513 -28.03 -19.13 -3.93
CA LEU C 513 -27.73 -18.78 -2.56
C LEU C 513 -29.00 -18.78 -1.73
N ILE C 514 -30.04 -18.19 -2.30
CA ILE C 514 -31.31 -18.09 -1.61
C ILE C 514 -31.86 -19.49 -1.28
N SER C 515 -31.78 -20.40 -2.26
CA SER C 515 -32.28 -21.75 -2.09
C SER C 515 -31.49 -22.57 -1.08
N ARG C 516 -30.23 -22.25 -0.84
CA ARG C 516 -29.52 -22.94 0.24
C ARG C 516 -29.98 -22.50 1.65
N GLY C 517 -30.79 -21.44 1.74
CA GLY C 517 -31.17 -20.88 3.04
C GLY C 517 -29.97 -20.55 3.93
N GLY C 518 -30.23 -20.31 5.20
CA GLY C 518 -29.17 -20.11 6.18
C GLY C 518 -28.44 -18.81 5.93
N LYS C 519 -27.16 -18.79 6.28
CA LYS C 519 -26.30 -17.63 6.03
C LYS C 519 -26.08 -17.33 4.53
N ALA C 520 -25.91 -18.38 3.72
CA ALA C 520 -25.85 -18.26 2.26
C ALA C 520 -27.01 -17.46 1.68
N ALA C 521 -28.23 -17.69 2.15
CA ALA C 521 -29.36 -16.94 1.60
C ALA C 521 -29.29 -15.45 1.94
N VAL C 522 -28.71 -15.13 3.09
CA VAL C 522 -28.50 -13.72 3.45
C VAL C 522 -27.50 -13.08 2.48
N CYS C 523 -26.43 -13.80 2.14
CA CYS C 523 -25.50 -13.37 1.11
C CYS C 523 -26.24 -13.08 -0.18
N GLY C 524 -27.17 -13.96 -0.54
CA GLY C 524 -27.95 -13.78 -1.75
C GLY C 524 -28.79 -12.53 -1.74
N ARG C 525 -29.40 -12.21 -0.61
CA ARG C 525 -30.34 -11.10 -0.52
C ARG C 525 -29.63 -9.79 -0.39
N TYR C 526 -28.60 -9.78 0.44
CA TYR C 526 -27.88 -8.55 0.70
C TYR C 526 -26.93 -8.19 -0.44
N LEU C 527 -26.08 -9.15 -0.82
CA LEU C 527 -25.04 -8.87 -1.78
C LEU C 527 -25.54 -8.75 -3.21
N PHE C 528 -26.71 -9.28 -3.51
CA PHE C 528 -27.17 -9.32 -4.91
C PHE C 528 -28.55 -8.70 -5.14
N ASN C 529 -28.95 -7.83 -4.23
CA ASN C 529 -30.21 -7.12 -4.39
C ASN C 529 -30.22 -6.18 -5.58
N TRP C 530 -29.03 -5.69 -5.95
CA TRP C 530 -28.85 -4.93 -7.16
C TRP C 530 -29.29 -5.70 -8.40
N ALA C 531 -29.33 -7.02 -8.34
CA ALA C 531 -29.46 -7.81 -9.56
C ALA C 531 -30.91 -8.17 -9.92
N VAL C 532 -31.88 -7.76 -9.10
CA VAL C 532 -33.31 -8.07 -9.34
C VAL C 532 -34.24 -6.88 -9.33
N LYS C 533 -35.32 -6.99 -10.12
CA LYS C 533 -36.35 -5.96 -10.26
C LYS C 533 -37.15 -5.73 -8.97
N THR C 534 -37.61 -6.82 -8.34
CA THR C 534 -38.36 -6.75 -7.08
C THR C 534 -37.43 -6.49 -5.85
N LYS C 535 -36.82 -5.31 -5.80
CA LYS C 535 -35.71 -5.04 -4.84
C LYS C 535 -36.23 -5.09 -3.40
N LEU C 536 -35.75 -6.05 -2.61
CA LEU C 536 -36.19 -6.24 -1.20
C LEU C 536 -35.79 -5.09 -0.29
N LYS C 537 -36.47 -4.97 0.87
CA LYS C 537 -36.09 -4.01 1.92
C LYS C 537 -34.98 -4.64 2.78
N LEU C 538 -33.84 -3.95 2.90
CA LEU C 538 -32.70 -4.52 3.63
C LEU C 538 -32.57 -3.83 4.96
N THR C 539 -32.50 -4.58 6.03
CA THR C 539 -32.42 -4.00 7.36
C THR C 539 -31.08 -4.30 8.01
N PRO C 540 -30.66 -3.48 8.99
CA PRO C 540 -29.42 -3.71 9.70
C PRO C 540 -29.28 -5.15 10.16
N LEU C 541 -28.07 -5.69 10.03
CA LEU C 541 -27.80 -7.06 10.41
C LEU C 541 -27.35 -7.05 11.85
N PRO C 542 -27.96 -7.88 12.69
CA PRO C 542 -27.52 -8.02 14.07
C PRO C 542 -26.04 -8.38 14.17
N GLU C 543 -25.64 -9.43 13.46
CA GLU C 543 -24.28 -9.95 13.56
C GLU C 543 -23.29 -8.79 13.35
N ALA C 544 -23.70 -7.79 12.55
CA ALA C 544 -22.88 -6.60 12.29
C ALA C 544 -22.55 -5.78 13.54
N ARG C 545 -23.56 -5.45 14.36
CA ARG C 545 -23.34 -4.67 15.60
C ARG C 545 -22.29 -5.34 16.47
N LEU C 546 -22.31 -6.67 16.54
CA LEU C 546 -21.36 -7.39 17.38
C LEU C 546 -19.97 -7.60 16.71
N LEU C 547 -19.36 -6.54 16.15
CA LEU C 547 -18.15 -6.69 15.31
C LEU C 547 -17.13 -5.55 15.40
N ASP C 548 -15.85 -5.87 15.62
CA ASP C 548 -14.81 -4.83 15.71
C ASP C 548 -13.69 -4.99 14.66
N LEU C 549 -13.73 -4.15 13.62
CA LEU C 549 -12.80 -4.23 12.50
C LEU C 549 -11.71 -3.15 12.49
N SER C 550 -11.54 -2.46 13.62
CA SER C 550 -10.63 -1.29 13.73
C SER C 550 -9.16 -1.59 13.42
N SER C 551 -8.68 -2.78 13.79
CA SER C 551 -7.29 -3.15 13.52
C SER C 551 -7.00 -3.34 12.01
N TRP C 552 -8.03 -3.69 11.24
CA TRP C 552 -7.90 -4.00 9.81
C TRP C 552 -7.20 -2.89 8.98
N PHE C 553 -7.40 -1.63 9.38
CA PHE C 553 -6.81 -0.48 8.71
C PHE C 553 -6.03 0.36 9.76
N THR C 554 -5.14 -0.33 10.50
CA THR C 554 -4.51 0.12 11.80
C THR C 554 -5.11 1.38 12.39
MN MN D . 3.52 6.18 -4.75
MN MN E . 6.39 7.10 -6.35
MN MN F . 23.04 9.45 15.92
CL CL G . -30.10 7.50 0.33
O3B CDP H . 8.54 4.30 -8.27
PB CDP H . 8.24 4.35 -6.79
O1B CDP H . 8.03 5.72 -6.17
O2B CDP H . 9.21 3.41 -6.10
O3A CDP H . 6.77 3.64 -6.65
PA CDP H . 5.66 4.01 -5.53
O1A CDP H . 5.28 5.48 -5.66
O2A CDP H . 4.55 3.01 -5.46
O5' CDP H . 6.46 3.67 -4.17
C5' CDP H . 7.11 4.66 -3.38
C4' CDP H . 8.02 3.95 -2.39
O4' CDP H . 7.29 3.11 -1.46
C3' CDP H . 9.05 3.03 -3.05
O3' CDP H . 10.15 3.75 -3.62
C2' CDP H . 9.41 2.16 -1.85
O2' CDP H . 10.39 2.79 -0.98
C1' CDP H . 8.08 1.98 -1.12
N1 CDP H . 7.51 0.71 -1.59
C2 CDP H . 7.98 -0.48 -0.97
O2 CDP H . 8.81 -0.43 -0.04
N3 CDP H . 7.53 -1.69 -1.37
C4 CDP H . 6.63 -1.78 -2.37
N4 CDP H . 6.20 -3.01 -2.73
C5 CDP H . 6.14 -0.63 -3.01
C6 CDP H . 6.61 0.63 -2.60
C1 PG6 I . 23.74 -13.67 -0.32
O1 PG6 I . 23.91 -13.14 1.00
C2 PG6 I . 24.05 -11.70 1.07
C3 PG6 I . 23.57 -11.11 2.40
O2 PG6 I . 24.54 -11.26 3.43
C4 PG6 I . 24.02 -11.11 4.76
C5 PG6 I . 25.01 -11.58 5.84
O3 PG6 I . 25.97 -12.51 5.32
C6 PG6 I . 26.70 -13.23 6.33
C7 PG6 I . 27.92 -13.89 5.70
O4 PG6 I . 27.92 -15.32 5.88
C8 PG6 I . 27.67 -16.14 4.73
C9 PG6 I . 28.65 -15.89 3.56
O5 PG6 I . 28.00 -15.17 2.48
C10 PG6 I . 28.87 -14.39 1.64
C11 PG6 I . 28.17 -13.13 1.11
O6 PG6 I . 28.64 -11.93 1.73
C12 PG6 I . 27.77 -11.36 2.72
C1 B3P J . -19.06 25.19 -0.27
C2 B3P J . -19.69 26.55 0.01
C3 B3P J . -19.26 24.79 -1.73
N1 B3P J . -18.08 24.18 -2.33
C4 B3P J . -18.19 23.16 -3.39
C5 B3P J . -16.87 22.99 -4.15
C6 B3P J . -18.63 21.82 -2.79
C7 B3P J . -19.25 23.63 -4.40
N2 B3P J . -19.50 26.95 1.41
C8 B3P J . -20.03 28.17 1.98
C9 B3P J . -20.28 29.19 0.86
C10 B3P J . -19.03 28.73 3.00
C11 B3P J . -21.35 27.87 2.71
O1 B3P J . -20.65 30.47 1.39
O2 B3P J . -18.67 27.73 3.96
O3 B3P J . -21.91 26.66 2.22
O4 B3P J . -16.85 21.89 -5.09
O5 B3P J . -17.98 21.48 -1.53
O6 B3P J . -19.02 24.91 -5.03
C1 EDO K . 21.76 10.52 19.80
O1 EDO K . 21.86 10.48 18.36
C2 EDO K . 22.78 9.56 20.43
O2 EDO K . 23.36 8.71 19.41
#